data_1AP2
#
_entry.id   1AP2
#
_cell.length_a   59.040
_cell.length_b   64.350
_cell.length_c   154.110
_cell.angle_alpha   90.00
_cell.angle_beta   90.00
_cell.angle_gamma   90.00
#
_symmetry.space_group_name_H-M   'P 21 21 21'
#
loop_
_entity.id
_entity.type
_entity.pdbx_description
1 polymer 'MONOCLONAL ANTIBODY C219'
2 polymer 'MONOCLONAL ANTIBODY C219'
3 water water
#
loop_
_entity_poly.entity_id
_entity_poly.type
_entity_poly.pdbx_seq_one_letter_code
_entity_poly.pdbx_strand_id
1 'polypeptide(L)'
;DIVMTQSPSSLTVTAGEKVTMSCKSSQSLLNSGNQKNYLTWYQQKPGQPPKLLIYWASTRESGVPDRFTGSGSGTDFTLT
ISSVQAEDLAVYYCQNDYSYPLTFGAGTKLEPG
;
A,C
2 'polypeptide(L)'
;EVQLQQSGAELVRPGASVKLSCTASGFNIKDDFMHWVKQRPEQGLEWIGRIDPANDNTKYAPKFQDKATIIADTSSNTAY
LQLSSLTSEDTAVYYCARREVYSYYSPLDVWGAGTTVTVPSGS
;
B,D
#
# COMPACT_ATOMS: atom_id res chain seq x y z
N ASP A 1 -6.08 12.95 -23.65
CA ASP A 1 -6.92 11.74 -23.96
C ASP A 1 -8.07 11.61 -22.97
N ILE A 2 -7.76 11.24 -21.73
CA ILE A 2 -8.79 11.13 -20.71
C ILE A 2 -8.94 12.50 -20.09
N VAL A 3 -10.13 13.07 -20.20
CA VAL A 3 -10.39 14.39 -19.64
C VAL A 3 -11.02 14.29 -18.25
N MET A 4 -10.42 15.00 -17.30
CA MET A 4 -10.92 15.01 -15.94
C MET A 4 -11.67 16.31 -15.68
N THR A 5 -12.94 16.18 -15.27
CA THR A 5 -13.78 17.34 -15.00
C THR A 5 -14.25 17.35 -13.56
N GLN A 6 -13.92 18.41 -12.84
CA GLN A 6 -14.31 18.56 -11.43
C GLN A 6 -15.30 19.70 -11.24
N SER A 7 -16.17 19.55 -10.25
CA SER A 7 -17.18 20.59 -9.96
C SER A 7 -17.71 20.47 -8.54
N PRO A 8 -18.06 21.61 -7.92
CA PRO A 8 -17.97 22.93 -8.53
C PRO A 8 -16.54 23.44 -8.37
N SER A 9 -16.17 24.43 -9.17
CA SER A 9 -14.83 25.00 -9.13
C SER A 9 -14.52 25.64 -7.78
N SER A 10 -15.42 26.51 -7.32
CA SER A 10 -15.24 27.20 -6.05
C SER A 10 -16.37 26.79 -5.10
N LEU A 11 -16.09 26.80 -3.81
CA LEU A 11 -17.09 26.41 -2.83
C LEU A 11 -16.90 27.05 -1.45
N THR A 12 -17.78 28.00 -1.12
CA THR A 12 -17.74 28.67 0.17
C THR A 12 -18.26 27.68 1.20
N VAL A 13 -17.45 27.38 2.20
CA VAL A 13 -17.84 26.45 3.25
C VAL A 13 -17.67 27.05 4.63
N THR A 14 -18.21 26.36 5.63
CA THR A 14 -18.10 26.80 7.03
C THR A 14 -17.63 25.58 7.81
N ALA A 15 -16.85 25.80 8.85
CA ALA A 15 -16.34 24.70 9.67
C ALA A 15 -17.50 23.88 10.21
N GLY A 16 -17.28 22.58 10.36
CA GLY A 16 -18.32 21.71 10.86
C GLY A 16 -19.27 21.27 9.77
N GLU A 17 -19.31 22.04 8.67
CA GLU A 17 -20.18 21.72 7.56
C GLU A 17 -19.67 20.54 6.74
N LYS A 18 -20.60 19.86 6.05
CA LYS A 18 -20.26 18.72 5.22
C LYS A 18 -20.08 19.22 3.79
N VAL A 19 -19.15 18.63 3.05
CA VAL A 19 -18.90 19.06 1.67
C VAL A 19 -18.76 17.90 0.70
N THR A 20 -19.27 18.06 -0.51
CA THR A 20 -19.20 17.02 -1.53
C THR A 20 -18.68 17.57 -2.86
N MET A 21 -17.60 16.96 -3.35
CA MET A 21 -17.00 17.37 -4.62
C MET A 21 -17.18 16.24 -5.62
N SER A 22 -17.28 16.60 -6.90
CA SER A 22 -17.47 15.61 -7.94
C SER A 22 -16.39 15.65 -9.03
N CYS A 23 -15.95 14.47 -9.47
CA CYS A 23 -14.95 14.38 -10.52
C CYS A 23 -15.39 13.32 -11.52
N LYS A 24 -15.65 13.77 -12.75
CA LYS A 24 -16.07 12.86 -13.81
C LYS A 24 -14.94 12.69 -14.82
N SER A 25 -14.72 11.44 -15.23
CA SER A 25 -13.67 11.11 -16.18
C SER A 25 -14.20 10.90 -17.60
N SER A 26 -13.35 11.18 -18.58
CA SER A 26 -13.67 11.03 -20.00
C SER A 26 -14.06 9.59 -20.31
N GLN A 27 -13.20 8.66 -19.93
CA GLN A 27 -13.44 7.23 -20.15
C GLN A 27 -13.34 6.53 -18.81
N SER A 28 -13.78 5.27 -18.76
CA SER A 28 -13.75 4.50 -17.52
C SER A 28 -12.34 4.26 -16.98
N LEU A 29 -12.21 4.38 -15.66
CA LEU A 29 -10.95 4.19 -14.97
C LEU A 29 -10.93 2.84 -14.24
N LEU A 30 -11.98 2.05 -14.43
CA LEU A 30 -12.10 0.75 -13.77
C LEU A 30 -11.37 -0.36 -14.51
N ASN A 31 -10.39 -0.98 -13.84
CA ASN A 31 -9.63 -2.07 -14.43
C ASN A 31 -10.38 -3.37 -14.14
N SER A 32 -11.07 -3.86 -15.15
CA SER A 32 -11.86 -5.09 -15.06
C SER A 32 -11.06 -6.28 -14.51
N GLY A 33 -9.75 -6.13 -14.48
CA GLY A 33 -8.89 -7.21 -14.00
C GLY A 33 -8.79 -7.33 -12.49
N ASN A 34 -8.95 -6.22 -11.78
CA ASN A 34 -8.90 -6.22 -10.32
C ASN A 34 -10.08 -5.44 -9.77
N GLN A 35 -10.97 -5.04 -10.67
CA GLN A 35 -12.15 -4.28 -10.30
C GLN A 35 -11.83 -3.01 -9.53
N LYS A 36 -10.59 -2.54 -9.66
CA LYS A 36 -10.14 -1.32 -8.98
C LYS A 36 -10.17 -0.14 -9.92
N ASN A 37 -10.61 1.01 -9.41
CA ASN A 37 -10.69 2.21 -10.22
C ASN A 37 -9.46 3.09 -9.98
N TYR A 38 -8.71 3.34 -11.05
CA TYR A 38 -7.49 4.13 -10.95
C TYR A 38 -7.72 5.63 -10.96
N LEU A 39 -8.23 6.11 -9.83
CA LEU A 39 -8.52 7.51 -9.62
C LEU A 39 -7.91 7.89 -8.28
N THR A 40 -7.26 9.05 -8.20
CA THR A 40 -6.67 9.48 -6.96
C THR A 40 -6.99 10.93 -6.68
N TRP A 41 -7.15 11.25 -5.40
CA TRP A 41 -7.45 12.61 -5.00
C TRP A 41 -6.25 13.28 -4.34
N TYR A 42 -6.16 14.60 -4.50
CA TYR A 42 -5.06 15.36 -3.94
C TYR A 42 -5.58 16.54 -3.16
N GLN A 43 -4.72 17.07 -2.31
CA GLN A 43 -5.03 18.24 -1.52
C GLN A 43 -3.84 19.16 -1.71
N GLN A 44 -4.10 20.45 -1.92
CA GLN A 44 -3.01 21.39 -2.09
C GLN A 44 -3.24 22.73 -1.43
N LYS A 45 -2.40 23.04 -0.45
CA LYS A 45 -2.46 24.32 0.23
C LYS A 45 -1.52 25.25 -0.54
N PRO A 46 -1.74 26.56 -0.45
CA PRO A 46 -0.89 27.52 -1.16
C PRO A 46 0.58 27.37 -0.76
N GLY A 47 1.47 27.55 -1.74
CA GLY A 47 2.89 27.43 -1.47
C GLY A 47 3.29 26.08 -0.91
N GLN A 48 2.46 25.07 -1.15
CA GLN A 48 2.76 23.73 -0.66
C GLN A 48 2.65 22.73 -1.81
N PRO A 49 3.34 21.58 -1.71
CA PRO A 49 3.25 20.59 -2.78
C PRO A 49 2.00 19.73 -2.67
N PRO A 50 1.57 19.10 -3.77
CA PRO A 50 0.36 18.27 -3.70
C PRO A 50 0.53 17.11 -2.72
N LYS A 51 -0.56 16.78 -2.05
CA LYS A 51 -0.56 15.70 -1.06
C LYS A 51 -1.56 14.61 -1.43
N LEU A 52 -1.14 13.35 -1.29
CA LEU A 52 -1.99 12.22 -1.62
C LEU A 52 -3.02 11.94 -0.52
N LEU A 53 -4.29 12.09 -0.86
CA LEU A 53 -5.35 11.83 0.10
C LEU A 53 -5.92 10.42 -0.10
N ILE A 54 -6.39 10.14 -1.31
CA ILE A 54 -6.99 8.84 -1.61
C ILE A 54 -6.64 8.28 -3.00
N TYR A 55 -6.35 6.98 -3.05
CA TYR A 55 -6.04 6.33 -4.31
C TYR A 55 -6.99 5.15 -4.52
N TRP A 56 -7.14 4.72 -5.76
CA TRP A 56 -8.07 3.67 -6.12
C TRP A 56 -9.48 4.14 -5.77
N ALA A 57 -9.64 5.44 -5.94
CA ALA A 57 -10.91 6.18 -5.78
C ALA A 57 -11.51 6.12 -4.36
N SER A 58 -11.06 5.22 -3.50
CA SER A 58 -11.69 5.11 -2.17
C SER A 58 -10.73 4.72 -1.05
N THR A 59 -9.52 4.29 -1.41
CA THR A 59 -8.56 3.90 -0.38
C THR A 59 -7.75 5.08 0.15
N ARG A 60 -7.93 5.36 1.44
CA ARG A 60 -7.24 6.44 2.13
C ARG A 60 -5.74 6.17 2.26
N GLU A 61 -4.96 7.21 2.07
CA GLU A 61 -3.51 7.08 2.19
C GLU A 61 -3.17 6.95 3.66
N SER A 62 -2.14 6.17 3.98
CA SER A 62 -1.73 6.00 5.37
C SER A 62 -1.50 7.38 5.95
N GLY A 63 -2.39 7.82 6.83
CA GLY A 63 -2.22 9.13 7.43
C GLY A 63 -3.44 10.02 7.39
N VAL A 64 -4.13 10.09 6.26
CA VAL A 64 -5.30 10.96 6.16
C VAL A 64 -6.45 10.54 7.06
N PRO A 65 -7.17 11.54 7.62
CA PRO A 65 -8.30 11.28 8.51
C PRO A 65 -9.54 10.70 7.84
N ASP A 66 -10.35 10.01 8.63
CA ASP A 66 -11.56 9.39 8.13
C ASP A 66 -12.54 10.38 7.54
N ARG A 67 -12.52 11.61 8.04
CA ARG A 67 -13.43 12.63 7.55
C ARG A 67 -13.25 12.88 6.05
N PHE A 68 -12.37 12.09 5.44
CA PHE A 68 -12.12 12.17 4.01
C PHE A 68 -12.57 10.85 3.39
N THR A 69 -13.69 10.90 2.68
CA THR A 69 -14.24 9.70 2.05
C THR A 69 -14.37 9.87 0.54
N GLY A 70 -13.79 8.92 -0.19
CA GLY A 70 -13.86 8.97 -1.63
C GLY A 70 -14.69 7.81 -2.11
N SER A 71 -15.49 8.02 -3.15
CA SER A 71 -16.31 6.96 -3.69
C SER A 71 -16.60 7.19 -5.17
N GLY A 72 -17.33 6.28 -5.78
CA GLY A 72 -17.64 6.42 -7.19
C GLY A 72 -17.08 5.25 -7.94
N SER A 73 -17.46 5.11 -9.21
CA SER A 73 -16.97 4.00 -10.00
C SER A 73 -16.95 4.28 -11.50
N GLY A 74 -15.95 3.72 -12.18
CA GLY A 74 -15.83 3.86 -13.62
C GLY A 74 -15.69 5.25 -14.20
N THR A 75 -16.80 5.99 -14.26
CA THR A 75 -16.80 7.33 -14.84
C THR A 75 -17.06 8.49 -13.86
N ASP A 76 -17.83 8.22 -12.81
CA ASP A 76 -18.15 9.24 -11.83
C ASP A 76 -17.58 8.97 -10.44
N PHE A 77 -16.97 9.99 -9.85
CA PHE A 77 -16.39 9.88 -8.52
C PHE A 77 -16.71 11.15 -7.76
N THR A 78 -16.66 11.07 -6.43
CA THR A 78 -16.95 12.20 -5.58
C THR A 78 -16.09 12.19 -4.32
N LEU A 79 -15.79 13.37 -3.80
CA LEU A 79 -15.00 13.46 -2.58
C LEU A 79 -15.91 14.02 -1.50
N THR A 80 -15.84 13.45 -0.31
CA THR A 80 -16.68 13.89 0.79
C THR A 80 -15.89 14.12 2.08
N ILE A 81 -16.38 15.05 2.89
CA ILE A 81 -15.77 15.39 4.17
C ILE A 81 -16.88 15.70 5.16
N SER A 82 -17.00 14.86 6.20
CA SER A 82 -18.01 15.07 7.21
C SER A 82 -17.50 16.10 8.21
N SER A 83 -18.18 17.24 8.28
CA SER A 83 -17.77 18.32 9.19
C SER A 83 -16.35 18.73 8.84
N VAL A 84 -16.24 19.60 7.84
CA VAL A 84 -14.96 20.11 7.36
C VAL A 84 -14.25 20.90 8.46
N GLN A 85 -12.92 20.81 8.49
CA GLN A 85 -12.15 21.52 9.50
C GLN A 85 -11.45 22.72 8.84
N ALA A 86 -10.69 23.47 9.62
CA ALA A 86 -10.02 24.65 9.09
C ALA A 86 -8.87 24.27 8.16
N GLU A 87 -8.03 23.35 8.62
CA GLU A 87 -6.89 22.86 7.86
C GLU A 87 -7.37 21.96 6.72
N ASP A 88 -8.60 22.21 6.26
CA ASP A 88 -9.18 21.42 5.18
C ASP A 88 -9.46 22.34 3.99
N LEU A 89 -8.92 23.56 4.08
CA LEU A 89 -9.11 24.62 3.09
C LEU A 89 -8.02 24.61 2.02
N ALA A 90 -7.96 23.62 1.14
CA ALA A 90 -6.92 23.73 0.14
C ALA A 90 -7.63 23.55 -1.13
N VAL A 91 -6.92 23.03 -2.12
CA VAL A 91 -7.54 22.77 -3.38
C VAL A 91 -7.43 21.28 -3.49
N TYR A 92 -8.43 20.67 -4.09
CA TYR A 92 -8.47 19.23 -4.25
C TYR A 92 -8.50 18.87 -5.71
N TYR A 93 -7.60 17.97 -6.09
CA TYR A 93 -7.52 17.52 -7.47
C TYR A 93 -7.78 16.03 -7.55
N CYS A 94 -8.43 15.60 -8.63
CA CYS A 94 -8.66 14.18 -8.86
C CYS A 94 -7.73 13.91 -10.04
N GLN A 95 -7.15 12.72 -10.10
CA GLN A 95 -6.24 12.38 -11.19
C GLN A 95 -6.43 11.01 -11.80
N ASN A 96 -6.42 10.97 -13.13
CA ASN A 96 -6.55 9.73 -13.86
C ASN A 96 -5.19 9.03 -13.77
N ASP A 97 -5.15 7.88 -13.11
CA ASP A 97 -3.91 7.14 -12.95
C ASP A 97 -3.98 5.82 -13.71
N TYR A 98 -4.95 5.75 -14.62
CA TYR A 98 -5.18 4.56 -15.43
C TYR A 98 -4.19 4.45 -16.58
N SER A 99 -4.31 5.34 -17.56
CA SER A 99 -3.44 5.30 -18.73
C SER A 99 -2.72 6.62 -19.06
N TYR A 100 -1.75 6.52 -19.96
CA TYR A 100 -0.96 7.66 -20.41
C TYR A 100 -1.73 8.47 -21.44
N PRO A 101 -1.65 9.80 -21.38
CA PRO A 101 -0.88 10.56 -20.38
C PRO A 101 -1.69 10.82 -19.13
N LEU A 102 -1.00 10.97 -18.00
CA LEU A 102 -1.68 11.23 -16.73
C LEU A 102 -2.35 12.59 -16.78
N THR A 103 -3.63 12.63 -16.40
CA THR A 103 -4.37 13.89 -16.41
C THR A 103 -5.03 14.24 -15.07
N PHE A 104 -5.02 15.53 -14.74
CA PHE A 104 -5.62 16.01 -13.50
C PHE A 104 -6.83 16.89 -13.79
N GLY A 105 -7.73 16.99 -12.84
CA GLY A 105 -8.89 17.84 -13.04
C GLY A 105 -8.43 19.24 -12.71
N ALA A 106 -9.29 20.24 -12.91
CA ALA A 106 -8.94 21.62 -12.61
C ALA A 106 -8.99 21.84 -11.09
N GLY A 107 -9.72 21.00 -10.38
CA GLY A 107 -9.80 21.10 -8.93
C GLY A 107 -10.92 21.95 -8.36
N THR A 108 -11.18 21.77 -7.07
CA THR A 108 -12.22 22.53 -6.37
C THR A 108 -11.60 23.22 -5.15
N LYS A 109 -11.68 24.54 -5.12
CA LYS A 109 -11.12 25.32 -4.02
C LYS A 109 -12.17 25.61 -2.96
N LEU A 110 -11.87 25.22 -1.72
CA LEU A 110 -12.78 25.46 -0.60
C LEU A 110 -12.44 26.83 -0.01
N GLU A 111 -13.44 27.71 0.05
CA GLU A 111 -13.23 29.07 0.57
C GLU A 111 -13.84 29.30 1.94
N PRO A 112 -13.49 30.44 2.57
CA PRO A 112 -14.00 30.79 3.91
C PRO A 112 -15.49 31.15 3.89
N GLU B 1 13.07 9.33 6.86
CA GLU B 1 11.95 9.13 5.88
C GLU B 1 12.47 9.26 4.45
N VAL B 2 11.56 9.36 3.48
CA VAL B 2 11.98 9.50 2.12
C VAL B 2 11.72 10.95 1.71
N GLN B 3 12.60 11.52 0.89
CA GLN B 3 12.46 12.91 0.50
C GLN B 3 12.96 13.20 -0.92
N LEU B 4 12.29 14.11 -1.61
CA LEU B 4 12.68 14.52 -2.95
C LEU B 4 13.17 15.97 -2.89
N GLN B 5 14.49 16.15 -2.85
CA GLN B 5 15.09 17.49 -2.78
C GLN B 5 15.20 18.12 -4.17
N GLN B 6 14.63 19.32 -4.33
CA GLN B 6 14.66 20.03 -5.61
C GLN B 6 15.53 21.28 -5.57
N SER B 7 16.06 21.66 -6.73
CA SER B 7 16.93 22.83 -6.85
C SER B 7 16.19 24.15 -6.62
N GLY B 8 16.93 25.24 -6.56
CA GLY B 8 16.34 26.55 -6.33
C GLY B 8 15.56 27.14 -7.51
N ALA B 9 14.93 28.28 -7.26
CA ALA B 9 14.13 28.97 -8.28
C ALA B 9 14.98 29.38 -9.46
N GLU B 10 14.33 29.68 -10.57
CA GLU B 10 15.05 30.08 -11.78
C GLU B 10 14.39 31.27 -12.48
N LEU B 11 15.23 32.12 -13.07
CA LEU B 11 14.78 33.29 -13.84
C LEU B 11 15.61 33.33 -15.11
N VAL B 12 15.03 32.89 -16.22
CA VAL B 12 15.71 32.84 -17.48
C VAL B 12 15.08 33.76 -18.54
N ARG B 13 15.86 34.15 -19.55
CA ARG B 13 15.36 35.03 -20.60
C ARG B 13 14.75 34.15 -21.70
N PRO B 14 13.73 34.67 -22.40
CA PRO B 14 13.08 33.91 -23.48
C PRO B 14 14.09 33.37 -24.49
N GLY B 15 14.05 32.07 -24.74
CA GLY B 15 14.97 31.48 -25.70
C GLY B 15 16.07 30.65 -25.05
N ALA B 16 16.35 30.92 -23.78
CA ALA B 16 17.39 30.20 -23.06
C ALA B 16 16.87 28.83 -22.64
N SER B 17 17.78 27.95 -22.24
CA SER B 17 17.41 26.61 -21.81
C SER B 17 17.49 26.55 -20.29
N VAL B 18 17.10 25.44 -19.70
CA VAL B 18 17.14 25.32 -18.25
C VAL B 18 17.12 23.87 -17.77
N LYS B 19 17.87 23.61 -16.70
CA LYS B 19 17.96 22.28 -16.12
C LYS B 19 17.48 22.34 -14.67
N LEU B 20 16.57 21.42 -14.31
CA LEU B 20 16.04 21.36 -12.96
C LEU B 20 16.46 19.99 -12.38
N SER B 21 16.76 19.95 -11.09
CA SER B 21 17.16 18.68 -10.49
C SER B 21 16.23 18.19 -9.40
N CYS B 22 16.10 16.88 -9.31
CA CYS B 22 15.26 16.25 -8.30
C CYS B 22 16.03 15.09 -7.68
N THR B 23 16.76 15.37 -6.61
CA THR B 23 17.55 14.37 -5.91
C THR B 23 16.68 13.61 -4.92
N ALA B 24 16.88 12.29 -4.84
CA ALA B 24 16.09 11.47 -3.93
C ALA B 24 16.89 11.11 -2.68
N SER B 25 16.21 11.11 -1.54
CA SER B 25 16.84 10.78 -0.28
C SER B 25 15.98 9.74 0.44
N GLY B 26 16.59 8.63 0.82
CA GLY B 26 15.86 7.59 1.51
C GLY B 26 15.47 6.45 0.60
N PHE B 27 15.96 6.48 -0.63
CA PHE B 27 15.66 5.44 -1.61
C PHE B 27 16.41 5.68 -2.91
N ASN B 28 16.78 4.59 -3.59
CA ASN B 28 17.51 4.67 -4.84
C ASN B 28 16.53 4.76 -6.01
N ILE B 29 16.61 5.85 -6.76
CA ILE B 29 15.71 6.07 -7.89
C ILE B 29 15.70 4.92 -8.90
N LYS B 30 16.71 4.05 -8.82
CA LYS B 30 16.80 2.92 -9.73
C LYS B 30 15.72 1.89 -9.45
N ASP B 31 14.75 2.26 -8.64
CA ASP B 31 13.67 1.34 -8.30
C ASP B 31 12.34 2.09 -8.30
N ASP B 32 12.40 3.37 -8.65
CA ASP B 32 11.22 4.20 -8.70
C ASP B 32 11.17 4.89 -10.06
N PHE B 33 9.98 5.34 -10.45
CA PHE B 33 9.78 6.05 -11.70
C PHE B 33 9.73 7.53 -11.34
N MET B 34 10.55 8.33 -12.00
CA MET B 34 10.60 9.77 -11.73
C MET B 34 9.76 10.58 -12.69
N HIS B 35 8.69 11.16 -12.17
CA HIS B 35 7.78 11.95 -12.97
C HIS B 35 8.02 13.45 -12.78
N TRP B 36 7.49 14.24 -13.70
CA TRP B 36 7.63 15.68 -13.68
C TRP B 36 6.27 16.30 -14.02
N VAL B 37 5.81 17.20 -13.17
CA VAL B 37 4.53 17.87 -13.36
C VAL B 37 4.74 19.39 -13.38
N LYS B 38 4.00 20.07 -14.25
CA LYS B 38 4.11 21.53 -14.36
C LYS B 38 2.84 22.19 -13.86
N GLN B 39 2.98 23.32 -13.16
CA GLN B 39 1.83 24.05 -12.65
C GLN B 39 1.99 25.56 -12.80
N ARG B 40 1.13 26.15 -13.62
CA ARG B 40 1.16 27.60 -13.87
C ARG B 40 0.33 28.29 -12.81
N PRO B 41 0.50 29.61 -12.64
CA PRO B 41 -0.26 30.37 -11.64
C PRO B 41 -1.71 29.94 -11.61
N GLU B 42 -2.20 29.42 -12.73
CA GLU B 42 -3.58 28.95 -12.86
C GLU B 42 -3.94 28.16 -11.61
N GLN B 43 -3.59 26.88 -11.62
CA GLN B 43 -3.83 25.96 -10.50
C GLN B 43 -3.80 24.51 -10.97
N GLY B 44 -4.37 24.24 -12.12
CA GLY B 44 -4.39 22.89 -12.65
C GLY B 44 -3.00 22.33 -12.88
N LEU B 45 -2.79 21.06 -12.53
CA LEU B 45 -1.50 20.41 -12.70
C LEU B 45 -1.42 19.74 -14.07
N GLU B 46 -0.21 19.59 -14.60
CA GLU B 46 -0.02 18.98 -15.91
C GLU B 46 1.17 18.02 -15.93
N TRP B 47 0.91 16.77 -16.27
CA TRP B 47 1.97 15.78 -16.36
C TRP B 47 2.84 16.12 -17.56
N ILE B 48 4.16 16.04 -17.38
CA ILE B 48 5.10 16.35 -18.45
C ILE B 48 5.68 15.05 -19.02
N GLY B 49 6.04 14.14 -18.13
CA GLY B 49 6.62 12.87 -18.55
C GLY B 49 7.30 12.16 -17.40
N ARG B 50 7.76 10.93 -17.66
CA ARG B 50 8.45 10.13 -16.66
C ARG B 50 9.70 9.51 -17.24
N ILE B 51 10.43 8.79 -16.40
CA ILE B 51 11.64 8.11 -16.81
C ILE B 51 11.94 6.94 -15.90
N ASP B 52 12.66 5.97 -16.46
CA ASP B 52 13.04 4.77 -15.73
C ASP B 52 14.55 4.80 -15.55
N PRO B 53 15.02 5.29 -14.39
CA PRO B 53 16.46 5.36 -14.15
C PRO B 53 17.19 4.03 -14.38
N ALA B 54 16.45 2.93 -14.25
CA ALA B 54 17.03 1.59 -14.43
C ALA B 54 17.33 1.25 -15.88
N ASN B 55 16.34 1.42 -16.74
CA ASN B 55 16.46 1.13 -18.17
C ASN B 55 16.83 2.36 -19.00
N ASP B 56 16.41 3.53 -18.53
CA ASP B 56 16.65 4.82 -19.19
C ASP B 56 15.52 5.19 -20.16
N ASN B 57 14.43 4.44 -20.11
CA ASN B 57 13.29 4.69 -20.98
C ASN B 57 12.49 5.88 -20.47
N THR B 58 11.99 6.69 -21.40
CA THR B 58 11.22 7.87 -21.04
C THR B 58 9.79 7.79 -21.55
N LYS B 59 8.97 8.76 -21.14
CA LYS B 59 7.59 8.85 -21.55
C LYS B 59 7.08 10.27 -21.33
N TYR B 60 6.98 11.05 -22.41
CA TYR B 60 6.52 12.43 -22.30
C TYR B 60 5.07 12.61 -22.76
N ALA B 61 4.52 13.78 -22.46
CA ALA B 61 3.17 14.12 -22.88
C ALA B 61 3.39 14.70 -24.28
N PRO B 62 2.53 14.36 -25.24
CA PRO B 62 2.69 14.87 -26.60
C PRO B 62 2.98 16.37 -26.72
N LYS B 63 2.39 17.17 -25.83
CA LYS B 63 2.60 18.61 -25.89
C LYS B 63 3.90 19.06 -25.24
N PHE B 64 4.54 18.17 -24.48
CA PHE B 64 5.79 18.51 -23.82
C PHE B 64 7.00 17.84 -24.46
N GLN B 65 6.78 16.65 -25.01
CA GLN B 65 7.85 15.85 -25.64
C GLN B 65 8.83 16.65 -26.49
N ASP B 66 8.36 17.68 -27.19
CA ASP B 66 9.25 18.45 -28.04
C ASP B 66 9.80 19.70 -27.35
N LYS B 67 9.90 19.65 -26.02
CA LYS B 67 10.42 20.79 -25.27
C LYS B 67 11.15 20.31 -24.02
N ALA B 68 10.65 19.23 -23.43
CA ALA B 68 11.27 18.69 -22.21
C ALA B 68 12.11 17.45 -22.48
N THR B 69 13.13 17.27 -21.64
CA THR B 69 14.02 16.14 -21.71
C THR B 69 14.33 15.72 -20.28
N ILE B 70 13.92 14.52 -19.90
CA ILE B 70 14.15 14.01 -18.54
C ILE B 70 15.38 13.10 -18.49
N ILE B 71 16.40 13.55 -17.77
CA ILE B 71 17.64 12.78 -17.66
C ILE B 71 17.85 12.26 -16.24
N ALA B 72 18.59 11.17 -16.10
CA ALA B 72 18.84 10.58 -14.80
C ALA B 72 20.29 10.18 -14.59
N ASP B 73 20.80 10.47 -13.39
CA ASP B 73 22.16 10.12 -13.04
C ASP B 73 22.12 9.27 -11.78
N THR B 74 22.10 7.95 -11.95
CA THR B 74 22.06 7.02 -10.82
C THR B 74 23.23 7.26 -9.88
N SER B 75 24.40 7.50 -10.46
CA SER B 75 25.61 7.74 -9.67
C SER B 75 25.41 8.85 -8.63
N SER B 76 24.43 9.72 -8.87
CA SER B 76 24.17 10.81 -7.95
C SER B 76 22.73 10.79 -7.41
N ASN B 77 21.98 9.76 -7.77
CA ASN B 77 20.60 9.63 -7.33
C ASN B 77 19.80 10.87 -7.69
N THR B 78 20.07 11.44 -8.87
CA THR B 78 19.40 12.64 -9.32
C THR B 78 18.73 12.51 -10.69
N ALA B 79 17.56 13.14 -10.83
CA ALA B 79 16.82 13.12 -12.08
C ALA B 79 16.75 14.59 -12.53
N TYR B 80 16.81 14.82 -13.84
CA TYR B 80 16.78 16.18 -14.36
C TYR B 80 15.64 16.48 -15.34
N LEU B 81 15.25 17.75 -15.37
CA LEU B 81 14.21 18.23 -16.27
C LEU B 81 14.84 19.34 -17.10
N GLN B 82 15.20 19.03 -18.34
CA GLN B 82 15.83 19.99 -19.24
C GLN B 82 14.74 20.66 -20.10
N LEU B 83 14.60 21.97 -19.95
CA LEU B 83 13.62 22.73 -20.73
C LEU B 83 14.31 23.62 -21.75
N SER B 84 13.94 23.50 -23.02
CA SER B 84 14.56 24.30 -24.07
C SER B 84 13.66 25.42 -24.62
N SER B 85 14.31 26.49 -25.09
CA SER B 85 13.62 27.66 -25.64
C SER B 85 12.42 28.05 -24.80
N LEU B 86 12.66 28.76 -23.72
CA LEU B 86 11.58 29.17 -22.83
C LEU B 86 10.76 30.34 -23.35
N THR B 87 9.51 30.39 -22.93
CA THR B 87 8.59 31.46 -23.30
C THR B 87 7.77 31.77 -22.05
N SER B 88 6.97 32.83 -22.10
CA SER B 88 6.14 33.20 -20.95
C SER B 88 5.33 32.01 -20.48
N GLU B 89 4.80 31.25 -21.43
CA GLU B 89 3.97 30.08 -21.14
C GLU B 89 4.68 29.05 -20.28
N ASP B 90 6.00 29.14 -20.19
CA ASP B 90 6.80 28.20 -19.42
C ASP B 90 6.93 28.63 -17.96
N THR B 91 6.45 29.83 -17.66
CA THR B 91 6.51 30.35 -16.31
C THR B 91 5.58 29.52 -15.42
N ALA B 92 6.15 28.77 -14.50
CA ALA B 92 5.35 27.93 -13.63
C ALA B 92 6.16 27.31 -12.51
N VAL B 93 5.52 26.38 -11.80
CA VAL B 93 6.17 25.66 -10.71
C VAL B 93 6.30 24.23 -11.20
N TYR B 94 7.51 23.67 -11.12
CA TYR B 94 7.74 22.30 -11.57
C TYR B 94 8.07 21.37 -10.41
N TYR B 95 7.16 20.42 -10.17
CA TYR B 95 7.36 19.45 -9.10
C TYR B 95 7.91 18.16 -9.69
N CYS B 96 8.54 17.37 -8.85
CA CYS B 96 9.08 16.07 -9.27
C CYS B 96 8.49 15.07 -8.28
N ALA B 97 8.00 13.96 -8.80
CA ALA B 97 7.42 12.93 -7.96
C ALA B 97 8.00 11.57 -8.31
N ARG B 98 7.71 10.58 -7.48
CA ARG B 98 8.22 9.24 -7.70
C ARG B 98 7.11 8.20 -7.56
N ARG B 99 7.37 7.01 -8.11
CA ARG B 99 6.43 5.91 -8.04
C ARG B 99 7.23 4.61 -8.03
N GLU B 100 7.00 3.78 -7.02
CA GLU B 100 7.70 2.50 -6.92
C GLU B 100 7.10 1.56 -7.96
N VAL B 101 7.94 1.08 -8.88
CA VAL B 101 7.48 0.17 -9.92
C VAL B 101 7.50 -1.28 -9.45
N TYR B 102 8.49 -1.62 -8.61
CA TYR B 102 8.62 -2.97 -8.08
C TYR B 102 7.55 -3.20 -6.99
N SER B 103 6.30 -3.30 -7.40
CA SER B 103 5.19 -3.52 -6.47
C SER B 103 3.86 -3.57 -7.23
N TYR B 104 2.90 -4.32 -6.70
CA TYR B 104 1.58 -4.45 -7.33
C TYR B 104 1.05 -3.08 -7.74
N TYR B 105 0.80 -2.21 -6.76
CA TYR B 105 0.32 -0.87 -7.04
C TYR B 105 0.84 0.13 -6.00
N SER B 106 1.18 1.33 -6.47
CA SER B 106 1.66 2.39 -5.60
C SER B 106 1.47 3.74 -6.30
N PRO B 107 0.67 4.62 -5.71
CA PRO B 107 0.40 5.95 -6.28
C PRO B 107 1.57 6.92 -6.17
N LEU B 108 1.38 8.12 -6.72
CA LEU B 108 2.42 9.15 -6.69
C LEU B 108 2.31 9.81 -5.32
N ASP B 109 2.85 9.14 -4.31
CA ASP B 109 2.81 9.60 -2.93
C ASP B 109 3.74 10.75 -2.58
N VAL B 110 5.04 10.50 -2.65
CA VAL B 110 6.01 11.53 -2.32
C VAL B 110 6.25 12.50 -3.47
N TRP B 111 6.38 13.79 -3.15
CA TRP B 111 6.60 14.82 -4.16
C TRP B 111 7.72 15.78 -3.72
N GLY B 112 8.35 16.42 -4.71
CA GLY B 112 9.39 17.38 -4.40
C GLY B 112 8.71 18.67 -3.98
N ALA B 113 9.46 19.62 -3.44
CA ALA B 113 8.91 20.89 -2.99
C ALA B 113 8.47 21.78 -4.15
N GLY B 114 8.96 21.48 -5.33
CA GLY B 114 8.62 22.25 -6.51
C GLY B 114 9.54 23.45 -6.68
N THR B 115 10.15 23.58 -7.86
CA THR B 115 11.03 24.70 -8.14
C THR B 115 10.35 25.62 -9.14
N THR B 116 10.22 26.88 -8.77
CA THR B 116 9.59 27.91 -9.61
C THR B 116 10.50 28.37 -10.74
N VAL B 117 9.92 28.51 -11.92
CA VAL B 117 10.66 28.94 -13.09
C VAL B 117 9.92 30.11 -13.73
N THR B 118 10.55 31.28 -13.66
CA THR B 118 9.97 32.49 -14.24
C THR B 118 10.84 32.88 -15.43
N VAL B 119 10.21 33.13 -16.56
CA VAL B 119 10.96 33.50 -17.76
C VAL B 119 10.89 35.00 -18.03
N PRO B 120 9.71 35.52 -18.46
CA PRO B 120 9.60 36.95 -18.74
C PRO B 120 10.55 37.82 -17.92
N ASP C 1 12.17 -11.90 21.54
CA ASP C 1 10.89 -12.37 20.95
C ASP C 1 9.71 -11.62 21.55
N ILE C 2 8.97 -10.93 20.69
CA ILE C 2 7.82 -10.16 21.15
C ILE C 2 6.56 -11.00 21.33
N VAL C 3 5.94 -10.87 22.49
CA VAL C 3 4.72 -11.62 22.79
C VAL C 3 3.49 -10.76 22.54
N MET C 4 2.53 -11.30 21.80
CA MET C 4 1.29 -10.59 21.49
C MET C 4 0.13 -11.17 22.28
N THR C 5 -0.52 -10.31 23.06
CA THR C 5 -1.63 -10.75 23.88
C THR C 5 -2.93 -10.05 23.52
N GLN C 6 -3.92 -10.84 23.13
CA GLN C 6 -5.23 -10.32 22.77
C GLN C 6 -6.26 -10.65 23.85
N SER C 7 -7.41 -9.97 23.77
CA SER C 7 -8.49 -10.18 24.73
C SER C 7 -9.68 -9.34 24.29
N PRO C 8 -10.90 -9.88 24.43
CA PRO C 8 -11.14 -11.22 24.97
C PRO C 8 -10.96 -12.31 23.90
N SER C 9 -10.52 -13.49 24.35
CA SER C 9 -10.33 -14.62 23.43
C SER C 9 -11.61 -14.91 22.65
N SER C 10 -12.76 -14.70 23.29
CA SER C 10 -14.05 -14.94 22.68
C SER C 10 -15.04 -13.85 23.07
N LEU C 11 -15.97 -13.55 22.18
CA LEU C 11 -16.96 -12.52 22.44
C LEU C 11 -18.24 -12.75 21.64
N THR C 12 -19.24 -13.38 22.25
CA THR C 12 -20.51 -13.58 21.56
C THR C 12 -21.05 -12.18 21.28
N VAL C 13 -21.60 -11.97 20.08
CA VAL C 13 -22.11 -10.65 19.72
C VAL C 13 -23.45 -10.73 19.00
N THR C 14 -24.08 -9.57 18.86
CA THR C 14 -25.38 -9.44 18.21
C THR C 14 -25.24 -8.45 17.06
N ALA C 15 -26.06 -8.59 16.03
CA ALA C 15 -25.98 -7.69 14.88
C ALA C 15 -26.29 -6.26 15.26
N GLY C 16 -25.29 -5.39 15.17
CA GLY C 16 -25.49 -3.99 15.49
C GLY C 16 -24.65 -3.47 16.65
N GLU C 17 -24.17 -4.38 17.49
CA GLU C 17 -23.37 -4.02 18.65
C GLU C 17 -21.95 -3.59 18.30
N LYS C 18 -21.43 -2.67 19.10
CA LYS C 18 -20.08 -2.17 18.94
C LYS C 18 -19.16 -3.05 19.78
N VAL C 19 -18.03 -3.47 19.20
CA VAL C 19 -17.10 -4.33 19.92
C VAL C 19 -15.66 -3.79 19.87
N THR C 20 -14.99 -3.87 21.01
CA THR C 20 -13.60 -3.41 21.12
C THR C 20 -12.73 -4.66 21.21
N MET C 21 -11.53 -4.58 20.64
CA MET C 21 -10.63 -5.71 20.65
C MET C 21 -9.26 -5.24 21.14
N SER C 22 -8.77 -5.85 22.20
CA SER C 22 -7.48 -5.43 22.75
C SER C 22 -6.34 -6.39 22.41
N CYS C 23 -5.26 -5.84 21.88
CA CYS C 23 -4.07 -6.61 21.54
C CYS C 23 -2.88 -5.81 22.06
N LYS C 24 -2.10 -6.43 22.93
CA LYS C 24 -0.94 -5.77 23.50
C LYS C 24 0.33 -6.58 23.31
N SER C 25 1.44 -5.88 23.04
CA SER C 25 2.72 -6.53 22.83
C SER C 25 3.64 -6.37 24.04
N SER C 26 4.62 -7.27 24.13
CA SER C 26 5.59 -7.25 25.22
C SER C 26 6.65 -6.19 24.94
N GLN C 27 6.72 -5.76 23.67
CA GLN C 27 7.69 -4.76 23.26
C GLN C 27 7.05 -3.79 22.26
N SER C 28 7.67 -2.63 22.10
CA SER C 28 7.18 -1.62 21.17
C SER C 28 7.44 -2.03 19.72
N LEU C 29 6.47 -1.77 18.86
CA LEU C 29 6.58 -2.10 17.45
C LEU C 29 6.63 -0.80 16.67
N LEU C 30 7.19 0.22 17.31
CA LEU C 30 7.31 1.54 16.73
C LEU C 30 8.60 1.71 15.94
N ASN C 31 8.49 2.26 14.74
CA ASN C 31 9.65 2.49 13.88
C ASN C 31 10.10 3.93 14.07
N SER C 32 11.28 4.11 14.63
CA SER C 32 11.82 5.46 14.87
C SER C 32 11.89 6.28 13.60
N GLY C 33 12.21 5.61 12.49
CA GLY C 33 12.33 6.27 11.21
C GLY C 33 11.08 6.95 10.67
N ASN C 34 9.96 6.25 10.67
CA ASN C 34 8.73 6.83 10.14
C ASN C 34 7.70 7.09 11.24
N GLN C 35 8.02 6.66 12.45
CA GLN C 35 7.11 6.82 13.57
C GLN C 35 5.82 6.05 13.24
N LYS C 36 6.00 4.83 12.75
CA LYS C 36 4.90 3.96 12.34
C LYS C 36 4.93 2.67 13.15
N ASN C 37 3.79 2.28 13.69
CA ASN C 37 3.69 1.06 14.47
C ASN C 37 3.44 -0.15 13.56
N TYR C 38 4.45 -1.01 13.48
CA TYR C 38 4.36 -2.19 12.64
C TYR C 38 3.54 -3.33 13.23
N LEU C 39 2.23 -3.11 13.28
CA LEU C 39 1.29 -4.09 13.80
C LEU C 39 0.13 -4.21 12.83
N THR C 40 -0.20 -5.43 12.42
CA THR C 40 -1.29 -5.63 11.48
C THR C 40 -2.40 -6.51 12.03
N TRP C 41 -3.62 -6.30 11.53
CA TRP C 41 -4.77 -7.09 11.97
C TRP C 41 -5.22 -8.07 10.88
N TYR C 42 -5.65 -9.25 11.30
CA TYR C 42 -6.11 -10.28 10.38
C TYR C 42 -7.49 -10.79 10.74
N GLN C 43 -8.29 -11.03 9.71
CA GLN C 43 -9.62 -11.57 9.91
C GLN C 43 -9.66 -12.90 9.19
N GLN C 44 -9.69 -13.99 9.95
CA GLN C 44 -9.75 -15.31 9.36
C GLN C 44 -11.09 -15.96 9.63
N LYS C 45 -11.79 -16.27 8.54
CA LYS C 45 -13.09 -16.93 8.63
C LYS C 45 -12.80 -18.42 8.63
N PRO C 46 -13.76 -19.24 9.09
CA PRO C 46 -13.49 -20.68 9.10
C PRO C 46 -13.38 -21.28 7.69
N GLY C 47 -12.29 -22.01 7.45
CA GLY C 47 -12.09 -22.63 6.17
C GLY C 47 -11.21 -21.81 5.22
N GLN C 48 -11.13 -20.51 5.46
CA GLN C 48 -10.33 -19.66 4.59
C GLN C 48 -9.08 -19.15 5.30
N PRO C 49 -8.04 -18.79 4.52
CA PRO C 49 -6.80 -18.27 5.12
C PRO C 49 -7.05 -16.87 5.65
N PRO C 50 -6.12 -16.34 6.46
CA PRO C 50 -6.28 -14.99 7.01
C PRO C 50 -6.44 -13.92 5.93
N LYS C 51 -7.11 -12.83 6.30
CA LYS C 51 -7.33 -11.72 5.39
C LYS C 51 -6.84 -10.43 6.03
N LEU C 52 -5.92 -9.76 5.37
CA LEU C 52 -5.37 -8.50 5.87
C LEU C 52 -6.48 -7.45 5.96
N LEU C 53 -6.63 -6.86 7.14
CA LEU C 53 -7.64 -5.83 7.35
C LEU C 53 -6.95 -4.48 7.51
N ILE C 54 -6.12 -4.38 8.54
CA ILE C 54 -5.43 -3.14 8.86
C ILE C 54 -3.94 -3.39 9.07
N TYR C 55 -3.13 -2.41 8.70
CA TYR C 55 -1.69 -2.52 8.90
C TYR C 55 -1.21 -1.17 9.42
N TRP C 56 -0.03 -1.16 10.00
CA TRP C 56 0.52 0.06 10.56
C TRP C 56 -0.45 0.61 11.60
N ALA C 57 -1.02 -0.36 12.31
CA ALA C 57 -1.92 -0.15 13.45
C ALA C 57 -3.24 0.56 13.12
N SER C 58 -3.35 1.20 11.96
CA SER C 58 -4.60 1.94 11.67
C SER C 58 -4.88 2.11 10.18
N THR C 59 -3.97 1.66 9.32
CA THR C 59 -4.16 1.80 7.89
C THR C 59 -5.01 0.66 7.33
N ARG C 60 -6.18 1.00 6.81
CA ARG C 60 -7.09 0.02 6.26
C ARG C 60 -6.64 -0.44 4.88
N GLU C 61 -6.78 -1.74 4.63
CA GLU C 61 -6.44 -2.31 3.35
C GLU C 61 -7.62 -2.01 2.44
N SER C 62 -7.36 -1.88 1.14
CA SER C 62 -8.43 -1.60 0.18
C SER C 62 -9.57 -2.59 0.38
N GLY C 63 -10.80 -2.11 0.18
CA GLY C 63 -11.96 -2.97 0.33
C GLY C 63 -12.49 -3.07 1.75
N VAL C 64 -11.65 -2.70 2.72
CA VAL C 64 -12.05 -2.77 4.13
C VAL C 64 -13.01 -1.66 4.54
N PRO C 65 -14.16 -2.03 5.12
CA PRO C 65 -15.16 -1.05 5.56
C PRO C 65 -14.67 -0.14 6.69
N ASP C 66 -15.25 1.04 6.76
CA ASP C 66 -14.90 2.04 7.77
C ASP C 66 -15.28 1.56 9.17
N ARG C 67 -16.26 0.66 9.24
CA ARG C 67 -16.70 0.14 10.53
C ARG C 67 -15.51 -0.43 11.28
N PHE C 68 -14.44 -0.73 10.54
CA PHE C 68 -13.22 -1.26 11.15
C PHE C 68 -12.27 -0.05 11.28
N THR C 69 -11.99 0.38 12.51
CA THR C 69 -11.12 1.53 12.70
C THR C 69 -9.64 1.22 12.92
N GLY C 70 -9.33 0.50 13.99
CA GLY C 70 -7.96 0.16 14.28
C GLY C 70 -7.25 1.36 14.90
N SER C 71 -6.70 1.15 16.09
CA SER C 71 -6.00 2.23 16.80
C SER C 71 -5.07 1.62 17.85
N GLY C 72 -4.22 2.46 18.44
CA GLY C 72 -3.30 1.97 19.45
C GLY C 72 -2.02 2.77 19.56
N SER C 73 -1.33 2.60 20.68
CA SER C 73 -0.08 3.31 20.94
C SER C 73 1.11 2.54 20.40
N GLY C 74 2.13 2.35 21.23
CA GLY C 74 3.30 1.62 20.81
C GLY C 74 3.34 0.22 21.35
N THR C 75 2.34 -0.13 22.17
CA THR C 75 2.25 -1.45 22.76
C THR C 75 0.80 -1.88 22.99
N ASP C 76 -0.06 -0.93 23.33
CA ASP C 76 -1.46 -1.22 23.55
C ASP C 76 -2.27 -0.81 22.33
N PHE C 77 -2.76 -1.78 21.57
CA PHE C 77 -3.55 -1.51 20.38
C PHE C 77 -4.99 -2.00 20.56
N THR C 78 -5.88 -1.51 19.72
CA THR C 78 -7.28 -1.88 19.80
C THR C 78 -7.96 -1.95 18.44
N LEU C 79 -8.76 -2.99 18.23
CA LEU C 79 -9.53 -3.14 17.01
C LEU C 79 -10.97 -2.88 17.43
N THR C 80 -11.75 -2.23 16.58
CA THR C 80 -13.13 -1.95 16.94
C THR C 80 -14.09 -1.93 15.77
N ILE C 81 -15.27 -2.54 15.98
CA ILE C 81 -16.30 -2.59 14.97
C ILE C 81 -17.48 -1.77 15.45
N SER C 82 -17.66 -0.59 14.85
CA SER C 82 -18.74 0.34 15.21
C SER C 82 -20.10 -0.35 15.36
N SER C 83 -20.47 -1.15 14.36
CA SER C 83 -21.73 -1.87 14.37
C SER C 83 -21.52 -3.18 13.61
N VAL C 84 -21.48 -4.27 14.36
CA VAL C 84 -21.25 -5.61 13.81
C VAL C 84 -22.31 -6.13 12.83
N GLN C 85 -21.83 -6.69 11.72
CA GLN C 85 -22.68 -7.27 10.69
C GLN C 85 -22.42 -8.78 10.73
N ALA C 86 -23.45 -9.57 10.44
CA ALA C 86 -23.34 -11.01 10.45
C ALA C 86 -22.11 -11.54 9.71
N GLU C 87 -21.71 -10.83 8.66
CA GLU C 87 -20.56 -11.24 7.86
C GLU C 87 -19.25 -11.03 8.62
N ASP C 88 -19.26 -10.11 9.58
CA ASP C 88 -18.06 -9.82 10.36
C ASP C 88 -17.74 -10.96 11.31
N LEU C 89 -18.63 -11.94 11.37
CA LEU C 89 -18.42 -13.09 12.24
C LEU C 89 -17.14 -13.80 11.83
N ALA C 90 -16.17 -13.85 12.73
CA ALA C 90 -14.91 -14.50 12.46
C ALA C 90 -13.94 -14.39 13.64
N VAL C 91 -12.68 -14.71 13.36
CA VAL C 91 -11.61 -14.64 14.35
C VAL C 91 -10.68 -13.50 13.92
N TYR C 92 -10.30 -12.67 14.88
CA TYR C 92 -9.43 -11.55 14.58
C TYR C 92 -8.08 -11.67 15.25
N TYR C 93 -7.01 -11.60 14.45
CA TYR C 93 -5.66 -11.71 14.98
C TYR C 93 -4.86 -10.44 14.73
N CYS C 94 -4.00 -10.08 15.67
CA CYS C 94 -3.14 -8.93 15.50
C CYS C 94 -1.76 -9.53 15.28
N GLN C 95 -0.87 -8.83 14.60
CA GLN C 95 0.44 -9.38 14.32
C GLN C 95 1.60 -8.41 14.48
N ASN C 96 2.72 -8.91 14.98
CA ASN C 96 3.94 -8.13 15.16
C ASN C 96 4.68 -8.22 13.84
N ASP C 97 4.57 -7.18 13.03
CA ASP C 97 5.24 -7.16 11.73
C ASP C 97 6.44 -6.22 11.81
N TYR C 98 7.01 -6.09 13.01
CA TYR C 98 8.14 -5.20 13.23
C TYR C 98 9.52 -5.87 13.08
N SER C 99 9.66 -7.10 13.58
CA SER C 99 10.93 -7.79 13.49
C SER C 99 10.78 -9.30 13.64
N TYR C 100 11.83 -10.02 13.28
CA TYR C 100 11.83 -11.49 13.38
C TYR C 100 12.02 -11.92 14.82
N PRO C 101 11.32 -12.98 15.24
CA PRO C 101 10.39 -13.72 14.39
C PRO C 101 8.98 -13.12 14.44
N LEU C 102 8.30 -13.13 13.29
CA LEU C 102 6.95 -12.60 13.22
C LEU C 102 6.12 -13.39 14.22
N THR C 103 5.41 -12.69 15.08
CA THR C 103 4.59 -13.34 16.09
C THR C 103 3.14 -12.91 15.96
N PHE C 104 2.23 -13.82 16.29
CA PHE C 104 0.80 -13.55 16.20
C PHE C 104 0.13 -13.65 17.56
N GLY C 105 -1.06 -13.08 17.66
CA GLY C 105 -1.80 -13.14 18.91
C GLY C 105 -2.68 -14.39 18.91
N ALA C 106 -3.34 -14.65 20.03
CA ALA C 106 -4.20 -15.81 20.15
C ALA C 106 -5.51 -15.59 19.40
N GLY C 107 -5.77 -14.35 19.03
CA GLY C 107 -6.99 -14.04 18.31
C GLY C 107 -8.24 -13.82 19.15
N THR C 108 -9.15 -13.01 18.64
CA THR C 108 -10.39 -12.72 19.33
C THR C 108 -11.52 -13.26 18.48
N LYS C 109 -12.12 -14.36 18.96
CA LYS C 109 -13.21 -15.01 18.26
C LYS C 109 -14.57 -14.40 18.58
N LEU C 110 -15.26 -13.92 17.55
CA LEU C 110 -16.58 -13.33 17.72
C LEU C 110 -17.63 -14.38 17.42
N GLU C 111 -18.46 -14.70 18.41
CA GLU C 111 -19.51 -15.70 18.26
C GLU C 111 -20.90 -15.08 18.23
N PRO C 112 -21.88 -15.80 17.67
CA PRO C 112 -23.25 -15.28 17.61
C PRO C 112 -23.96 -15.52 18.94
N GLY C 113 -23.59 -16.61 19.61
CA GLY C 113 -24.18 -16.94 20.89
C GLY C 113 -25.01 -18.22 20.86
N GLU D 1 -4.63 -9.65 -10.13
CA GLU D 1 -4.46 -10.97 -10.79
C GLU D 1 -3.64 -11.95 -9.95
N VAL D 2 -2.82 -11.41 -9.06
CA VAL D 2 -1.96 -12.21 -8.19
C VAL D 2 -2.72 -13.26 -7.38
N GLN D 3 -2.08 -14.41 -7.18
CA GLN D 3 -2.69 -15.50 -6.43
C GLN D 3 -1.68 -16.59 -6.15
N LEU D 4 -1.79 -17.22 -4.97
CA LEU D 4 -0.87 -18.29 -4.57
C LEU D 4 -1.55 -19.64 -4.58
N GLN D 5 -0.93 -20.62 -5.24
CA GLN D 5 -1.50 -21.97 -5.33
C GLN D 5 -0.67 -22.97 -4.53
N GLN D 6 -1.31 -23.65 -3.59
CA GLN D 6 -0.63 -24.63 -2.75
C GLN D 6 -1.04 -26.04 -3.13
N SER D 7 -0.28 -27.03 -2.69
CA SER D 7 -0.58 -28.42 -3.01
C SER D 7 -1.74 -28.99 -2.22
N GLY D 8 -2.11 -30.23 -2.55
CA GLY D 8 -3.22 -30.88 -1.88
C GLY D 8 -2.96 -31.35 -0.47
N ALA D 9 -4.04 -31.75 0.20
CA ALA D 9 -3.96 -32.23 1.57
C ALA D 9 -3.11 -33.49 1.67
N GLU D 10 -2.39 -33.62 2.78
CA GLU D 10 -1.53 -34.77 2.99
C GLU D 10 -1.90 -35.58 4.23
N LEU D 11 -1.42 -36.82 4.25
CA LEU D 11 -1.63 -37.76 5.35
C LEU D 11 -0.35 -38.59 5.45
N VAL D 12 0.39 -38.42 6.54
CA VAL D 12 1.64 -39.13 6.73
C VAL D 12 1.72 -39.95 8.01
N ARG D 13 2.76 -40.78 8.09
CA ARG D 13 3.00 -41.61 9.26
C ARG D 13 3.97 -40.91 10.19
N PRO D 14 3.79 -41.12 11.52
CA PRO D 14 4.57 -40.55 12.62
C PRO D 14 6.04 -40.21 12.38
N GLY D 15 6.62 -40.70 11.30
CA GLY D 15 8.03 -40.39 11.04
C GLY D 15 8.38 -39.98 9.63
N ALA D 16 7.38 -39.88 8.76
CA ALA D 16 7.62 -39.51 7.37
C ALA D 16 8.18 -38.10 7.23
N SER D 17 8.18 -37.60 5.99
CA SER D 17 8.67 -36.26 5.70
C SER D 17 8.00 -35.75 4.43
N VAL D 18 6.98 -34.91 4.60
CA VAL D 18 6.26 -34.35 3.47
C VAL D 18 7.04 -33.21 2.81
N LYS D 19 6.43 -32.62 1.78
CA LYS D 19 7.03 -31.53 1.04
C LYS D 19 5.91 -30.78 0.35
N LEU D 20 5.54 -29.63 0.90
CA LEU D 20 4.46 -28.83 0.34
C LEU D 20 5.00 -27.84 -0.69
N SER D 21 4.13 -27.40 -1.61
CA SER D 21 4.53 -26.45 -2.64
C SER D 21 3.61 -25.24 -2.64
N CYS D 22 4.14 -24.10 -3.08
CA CYS D 22 3.38 -22.85 -3.12
C CYS D 22 3.73 -22.08 -4.39
N THR D 23 2.98 -22.33 -5.46
CA THR D 23 3.22 -21.70 -6.75
C THR D 23 2.59 -20.31 -6.87
N ALA D 24 3.40 -19.34 -7.29
CA ALA D 24 2.95 -17.97 -7.45
C ALA D 24 2.25 -17.80 -8.80
N SER D 25 1.28 -16.88 -8.84
CA SER D 25 0.51 -16.64 -10.05
C SER D 25 0.30 -15.14 -10.21
N GLY D 26 0.88 -14.58 -11.27
CA GLY D 26 0.73 -13.16 -11.54
C GLY D 26 1.89 -12.31 -11.07
N PHE D 27 2.99 -12.95 -10.70
CA PHE D 27 4.17 -12.24 -10.24
C PHE D 27 5.33 -13.19 -10.02
N ASN D 28 6.56 -12.70 -10.23
CA ASN D 28 7.77 -13.49 -10.04
C ASN D 28 8.19 -13.43 -8.59
N ILE D 29 8.32 -14.59 -7.98
CA ILE D 29 8.73 -14.68 -6.59
C ILE D 29 10.11 -14.05 -6.41
N LYS D 30 10.82 -13.87 -7.52
CA LYS D 30 12.16 -13.29 -7.50
C LYS D 30 12.21 -12.00 -6.69
N ASP D 31 11.24 -11.13 -6.91
CA ASP D 31 11.19 -9.87 -6.19
C ASP D 31 10.25 -9.97 -4.99
N ASP D 32 10.17 -11.14 -4.40
CA ASP D 32 9.28 -11.36 -3.26
C ASP D 32 9.83 -12.34 -2.23
N PHE D 33 9.59 -12.07 -0.95
CA PHE D 33 10.01 -12.96 0.12
C PHE D 33 8.83 -13.90 0.35
N MET D 34 9.12 -15.19 0.54
CA MET D 34 8.07 -16.17 0.74
C MET D 34 8.04 -16.74 2.15
N HIS D 35 6.91 -16.54 2.84
CA HIS D 35 6.75 -17.00 4.21
C HIS D 35 5.88 -18.24 4.30
N TRP D 36 6.01 -18.94 5.43
CA TRP D 36 5.26 -20.15 5.70
C TRP D 36 4.76 -20.12 7.15
N VAL D 37 3.45 -20.04 7.34
CA VAL D 37 2.92 -20.02 8.69
C VAL D 37 2.12 -21.29 8.94
N LYS D 38 2.15 -21.75 10.19
CA LYS D 38 1.45 -22.96 10.59
C LYS D 38 0.31 -22.63 11.55
N GLN D 39 -0.85 -23.24 11.32
CA GLN D 39 -2.02 -22.99 12.16
C GLN D 39 -2.60 -24.28 12.71
N ARG D 40 -2.18 -24.66 13.92
CA ARG D 40 -2.69 -25.87 14.55
C ARG D 40 -4.21 -25.74 14.69
N PRO D 41 -4.93 -26.85 14.47
CA PRO D 41 -6.39 -26.88 14.55
C PRO D 41 -6.94 -26.15 15.78
N GLU D 42 -6.27 -26.34 16.91
CA GLU D 42 -6.67 -25.73 18.16
C GLU D 42 -5.59 -24.75 18.60
N GLN D 43 -5.31 -23.75 17.77
CA GLN D 43 -4.27 -22.78 18.08
C GLN D 43 -4.37 -21.58 17.15
N GLY D 44 -3.45 -20.64 17.31
CA GLY D 44 -3.42 -19.47 16.46
C GLY D 44 -2.43 -19.71 15.34
N LEU D 45 -2.05 -18.65 14.62
CA LEU D 45 -1.11 -18.75 13.51
C LEU D 45 0.32 -18.74 14.03
N GLU D 46 1.21 -19.46 13.34
CA GLU D 46 2.60 -19.54 13.76
C GLU D 46 3.61 -19.34 12.63
N TRP D 47 4.45 -18.33 12.76
CA TRP D 47 5.46 -18.06 11.73
C TRP D 47 6.48 -19.17 11.80
N ILE D 48 6.88 -19.67 10.62
CA ILE D 48 7.84 -20.75 10.54
C ILE D 48 9.15 -20.26 9.93
N GLY D 49 9.06 -19.27 9.07
CA GLY D 49 10.24 -18.73 8.43
C GLY D 49 9.95 -18.20 7.03
N ARG D 50 11.00 -17.86 6.29
CA ARG D 50 10.86 -17.33 4.93
C ARG D 50 12.15 -17.49 4.16
N ILE D 51 12.11 -17.25 2.86
CA ILE D 51 13.30 -17.36 2.02
C ILE D 51 13.38 -16.33 0.92
N ASP D 52 14.61 -15.97 0.55
CA ASP D 52 14.87 -15.01 -0.50
C ASP D 52 15.19 -15.84 -1.73
N PRO D 53 14.20 -16.10 -2.59
CA PRO D 53 14.45 -16.90 -3.79
C PRO D 53 15.71 -16.49 -4.54
N ALA D 54 15.93 -15.17 -4.64
CA ALA D 54 17.08 -14.63 -5.35
C ALA D 54 18.41 -15.18 -4.85
N ASN D 55 18.59 -15.19 -3.53
CA ASN D 55 19.83 -15.68 -2.93
C ASN D 55 19.61 -16.93 -2.11
N ASP D 56 18.40 -17.45 -2.14
CA ASP D 56 18.05 -18.65 -1.39
C ASP D 56 18.44 -18.48 0.08
N ASN D 57 18.31 -17.26 0.56
CA ASN D 57 18.63 -16.93 1.94
C ASN D 57 17.36 -17.12 2.75
N THR D 58 17.39 -18.04 3.72
CA THR D 58 16.23 -18.31 4.53
C THR D 58 16.35 -17.65 5.90
N LYS D 59 15.40 -17.95 6.78
CA LYS D 59 15.37 -17.41 8.13
C LYS D 59 14.23 -18.11 8.85
N TYR D 60 14.55 -18.83 9.92
CA TYR D 60 13.54 -19.57 10.65
C TYR D 60 13.23 -19.09 12.05
N ALA D 61 12.14 -19.63 12.59
CA ALA D 61 11.72 -19.33 13.95
C ALA D 61 12.36 -20.44 14.77
N PRO D 62 13.12 -20.07 15.82
CA PRO D 62 13.79 -21.04 16.69
C PRO D 62 13.11 -22.40 16.83
N LYS D 63 11.80 -22.39 17.03
CA LYS D 63 11.08 -23.64 17.22
C LYS D 63 11.06 -24.54 15.99
N PHE D 64 11.10 -23.94 14.80
CA PHE D 64 11.07 -24.70 13.56
C PHE D 64 12.44 -24.84 12.90
N GLN D 65 13.49 -24.57 13.64
CA GLN D 65 14.84 -24.68 13.10
C GLN D 65 15.22 -26.17 12.99
N ASP D 66 15.70 -26.52 11.81
CA ASP D 66 16.12 -27.90 11.50
C ASP D 66 14.91 -28.81 11.35
N LYS D 67 13.80 -28.37 11.92
CA LYS D 67 12.55 -29.13 11.85
C LYS D 67 12.01 -28.93 10.44
N ALA D 68 12.00 -27.68 10.00
CA ALA D 68 11.51 -27.34 8.67
C ALA D 68 12.63 -26.91 7.73
N THR D 69 12.33 -26.84 6.45
CA THR D 69 13.29 -26.45 5.42
C THR D 69 12.53 -25.80 4.29
N ILE D 70 13.00 -24.64 3.84
CA ILE D 70 12.34 -23.92 2.76
C ILE D 70 13.18 -23.85 1.49
N ILE D 71 12.70 -24.51 0.44
CA ILE D 71 13.40 -24.50 -0.84
C ILE D 71 12.68 -23.59 -1.82
N ALA D 72 13.43 -22.91 -2.67
CA ALA D 72 12.84 -22.01 -3.66
C ALA D 72 13.25 -22.39 -5.07
N ASP D 73 12.30 -22.26 -6.00
CA ASP D 73 12.54 -22.58 -7.40
C ASP D 73 12.02 -21.42 -8.25
N THR D 74 12.92 -20.50 -8.58
CA THR D 74 12.56 -19.34 -9.38
C THR D 74 12.08 -19.75 -10.76
N SER D 75 12.71 -20.79 -11.30
CA SER D 75 12.35 -21.30 -12.63
C SER D 75 10.87 -21.66 -12.68
N SER D 76 10.40 -22.34 -11.64
CA SER D 76 9.01 -22.76 -11.55
C SER D 76 8.16 -21.71 -10.83
N ASN D 77 8.82 -20.71 -10.26
CA ASN D 77 8.10 -19.66 -9.54
C ASN D 77 7.38 -20.29 -8.35
N THR D 78 7.95 -21.37 -7.85
CA THR D 78 7.37 -22.11 -6.73
C THR D 78 8.23 -22.04 -5.47
N ALA D 79 7.57 -22.08 -4.31
CA ALA D 79 8.24 -22.04 -3.01
C ALA D 79 7.84 -23.29 -2.24
N TYR D 80 8.82 -24.05 -1.76
CA TYR D 80 8.53 -25.28 -1.04
C TYR D 80 8.69 -25.24 0.47
N LEU D 81 8.13 -26.25 1.13
CA LEU D 81 8.20 -26.40 2.58
C LEU D 81 8.44 -27.87 2.88
N GLN D 82 9.65 -28.20 3.32
CA GLN D 82 9.99 -29.58 3.64
C GLN D 82 9.95 -29.87 5.15
N LEU D 83 9.03 -30.72 5.56
CA LEU D 83 8.87 -31.08 6.98
C LEU D 83 9.43 -32.47 7.22
N SER D 84 10.42 -32.56 8.10
CA SER D 84 11.05 -33.84 8.39
C SER D 84 10.57 -34.46 9.70
N SER D 85 10.68 -35.78 9.77
CA SER D 85 10.26 -36.54 10.95
C SER D 85 9.03 -35.91 11.55
N LEU D 86 7.91 -36.00 10.83
CA LEU D 86 6.66 -35.42 11.31
C LEU D 86 6.23 -36.10 12.61
N THR D 87 5.34 -35.45 13.35
CA THR D 87 4.87 -35.98 14.62
C THR D 87 3.46 -35.45 14.88
N SER D 88 2.71 -36.15 15.73
CA SER D 88 1.34 -35.77 16.07
C SER D 88 1.12 -34.27 16.26
N GLU D 89 2.20 -33.56 16.58
CA GLU D 89 2.12 -32.12 16.81
C GLU D 89 2.20 -31.30 15.52
N ASP D 90 2.77 -31.90 14.48
CA ASP D 90 2.91 -31.22 13.21
C ASP D 90 1.58 -31.12 12.46
N THR D 91 0.55 -31.79 12.98
CA THR D 91 -0.75 -31.77 12.34
C THR D 91 -1.36 -30.37 12.46
N ALA D 92 -1.44 -29.65 11.35
CA ALA D 92 -1.99 -28.30 11.31
C ALA D 92 -2.01 -27.87 9.85
N VAL D 93 -2.72 -26.79 9.51
CA VAL D 93 -2.70 -26.39 8.12
C VAL D 93 -1.45 -25.55 7.94
N TYR D 94 -0.99 -25.45 6.71
CA TYR D 94 0.22 -24.71 6.39
C TYR D 94 -0.03 -23.74 5.26
N TYR D 95 0.04 -22.45 5.56
CA TYR D 95 -0.16 -21.41 4.57
C TYR D 95 1.20 -20.93 4.10
N CYS D 96 1.19 -20.21 2.99
CA CYS D 96 2.41 -19.63 2.44
C CYS D 96 1.95 -18.23 2.09
N ALA D 97 2.82 -17.25 2.23
CA ALA D 97 2.44 -15.87 1.93
C ALA D 97 3.60 -15.11 1.30
N ARG D 98 3.26 -14.02 0.62
CA ARG D 98 4.26 -13.20 -0.04
C ARG D 98 4.29 -11.80 0.54
N ARG D 99 5.42 -11.14 0.32
CA ARG D 99 5.65 -9.78 0.76
C ARG D 99 6.56 -9.16 -0.29
N GLU D 100 6.11 -8.05 -0.87
CA GLU D 100 6.93 -7.35 -1.86
C GLU D 100 8.00 -6.64 -1.07
N VAL D 101 9.24 -7.12 -1.18
CA VAL D 101 10.36 -6.53 -0.44
C VAL D 101 10.98 -5.29 -1.06
N TYR D 102 10.82 -5.13 -2.37
CA TYR D 102 11.40 -4.00 -3.06
C TYR D 102 10.50 -2.77 -3.02
N SER D 103 9.58 -2.76 -2.05
CA SER D 103 8.67 -1.64 -1.89
C SER D 103 8.88 -1.06 -0.49
N TYR D 104 8.68 0.23 -0.32
CA TYR D 104 8.87 0.89 0.97
C TYR D 104 8.47 -0.05 2.10
N TYR D 105 7.20 -0.43 2.11
CA TYR D 105 6.67 -1.36 3.09
C TYR D 105 5.45 -2.07 2.52
N SER D 106 5.39 -3.37 2.69
CA SER D 106 4.27 -4.16 2.20
C SER D 106 3.86 -5.20 3.24
N PRO D 107 2.58 -5.21 3.62
CA PRO D 107 2.18 -6.20 4.62
C PRO D 107 2.12 -7.59 3.99
N LEU D 108 1.60 -8.55 4.75
CA LEU D 108 1.45 -9.93 4.29
C LEU D 108 0.02 -10.05 3.78
N ASP D 109 -0.26 -9.43 2.64
CA ASP D 109 -1.60 -9.41 2.05
C ASP D 109 -2.04 -10.52 1.11
N VAL D 110 -1.11 -11.29 0.57
CA VAL D 110 -1.49 -12.38 -0.34
C VAL D 110 -1.21 -13.72 0.31
N TRP D 111 -2.28 -14.45 0.62
CA TRP D 111 -2.16 -15.74 1.27
C TRP D 111 -2.67 -16.89 0.41
N GLY D 112 -2.04 -18.05 0.54
CA GLY D 112 -2.45 -19.22 -0.20
C GLY D 112 -3.62 -19.89 0.50
N ALA D 113 -4.36 -20.73 -0.22
CA ALA D 113 -5.52 -21.41 0.34
C ALA D 113 -5.15 -22.29 1.53
N GLY D 114 -3.88 -22.66 1.63
CA GLY D 114 -3.45 -23.49 2.75
C GLY D 114 -3.59 -24.97 2.51
N THR D 115 -2.62 -25.72 3.02
CA THR D 115 -2.60 -27.17 2.89
C THR D 115 -2.76 -27.80 4.26
N THR D 116 -3.56 -28.86 4.34
CA THR D 116 -3.76 -29.53 5.62
C THR D 116 -2.92 -30.79 5.69
N VAL D 117 -2.07 -30.88 6.71
CA VAL D 117 -1.23 -32.05 6.90
C VAL D 117 -1.68 -32.77 8.16
N THR D 118 -1.94 -34.08 8.04
CA THR D 118 -2.40 -34.88 9.17
C THR D 118 -1.51 -36.07 9.50
N VAL D 119 -1.02 -36.11 10.73
CA VAL D 119 -0.18 -37.20 11.21
C VAL D 119 -0.90 -37.91 12.35
N PRO D 120 -1.47 -39.10 12.09
CA PRO D 120 -2.21 -39.90 13.08
C PRO D 120 -1.40 -40.42 14.26
N SER D 121 -1.77 -41.63 14.69
CA SER D 121 -1.14 -42.33 15.80
C SER D 121 -1.68 -41.89 17.17
N GLY D 122 -2.78 -41.15 17.17
CA GLY D 122 -3.33 -40.69 18.43
C GLY D 122 -4.85 -40.60 18.48
N SER D 123 -5.36 -39.43 18.85
CA SER D 123 -6.78 -39.17 18.96
C SER D 123 -7.40 -38.81 17.61
#